data_1YMS
#
_entry.id   1YMS
#
_cell.length_a   45.260
_cell.length_b   106.825
_cell.length_c   47.867
_cell.angle_alpha   90.00
_cell.angle_beta   101.74
_cell.angle_gamma   90.00
#
_symmetry.space_group_name_H-M   'P 1 21 1'
#
loop_
_entity.id
_entity.type
_entity.pdbx_description
1 polymer 'beta-lactamase CTX-M-9'
2 non-polymer '[(2-ETHOXY-1-NAPHTHOYL)AMINO]METHYLBORONIC ACID'
3 water water
#
_entity_poly.entity_id   1
_entity_poly.type   'polypeptide(L)'
_entity_poly.pdbx_seq_one_letter_code
;QTSAVQQKLAALEKSSGGRLGVALIDTADNTQVLYRGDERFPMCSTSKVMAAAAVLKQSETQKQLLNQPVEIKPADLVNY
NPIAEKHVNGTMTLAELSAAALQYSDNTAMNKLIAQLGGPGGVTAFARAIGDETFRLDRTEPTLNTAIPGDPRDTTTPRA
MAQTLRQLTLGHALGETQRAQLVTWLKGNTTGAASIRAGLPTSWTAGDKTGSGDYGTTNDIAVIWPQGRAPLVLVTYFTQ
PQQNAESRRDVLASAARIIAEGL
;
_entity_poly.pdbx_strand_id   A,B
#
loop_
_chem_comp.id
_chem_comp.type
_chem_comp.name
_chem_comp.formula
NBF non-polymer '[(2-ETHOXY-1-NAPHTHOYL)AMINO]METHYLBORONIC ACID' 'C14 H16 B N O4'
#
# COMPACT_ATOMS: atom_id res chain seq x y z
N GLN A 1 -4.91 -4.10 -1.59
CA GLN A 1 -4.26 -3.78 -0.28
C GLN A 1 -4.20 -2.26 -0.06
N THR A 2 -4.19 -1.84 1.19
CA THR A 2 -4.09 -0.42 1.52
C THR A 2 -2.81 -0.20 2.34
N SER A 3 -1.92 0.64 1.83
CA SER A 3 -0.65 0.94 2.50
C SER A 3 -0.81 2.10 3.49
N ALA A 4 0.23 2.31 4.28
CA ALA A 4 0.28 3.39 5.27
C ALA A 4 0.10 4.73 4.54
N VAL A 5 0.80 4.87 3.43
CA VAL A 5 0.72 6.10 2.66
C VAL A 5 -0.70 6.31 2.10
N GLN A 6 -1.33 5.25 1.58
CA GLN A 6 -2.68 5.38 1.08
C GLN A 6 -3.64 5.74 2.21
N GLN A 7 -3.39 5.21 3.40
CA GLN A 7 -4.24 5.52 4.56
C GLN A 7 -4.10 7.01 4.93
N LYS A 8 -2.88 7.51 4.89
CA LYS A 8 -2.64 8.93 5.19
C LYS A 8 -3.29 9.84 4.15
N LEU A 9 -3.23 9.44 2.88
CA LEU A 9 -3.83 10.26 1.82
C LEU A 9 -5.36 10.25 1.99
N ALA A 10 -5.90 9.12 2.44
CA ALA A 10 -7.35 9.04 2.67
C ALA A 10 -7.76 9.97 3.80
N ALA A 11 -6.92 10.06 4.83
CA ALA A 11 -7.21 10.92 5.98
C ALA A 11 -7.13 12.38 5.56
N LEU A 12 -6.16 12.69 4.70
CA LEU A 12 -6.02 14.04 4.21
C LEU A 12 -7.27 14.39 3.41
N GLU A 13 -7.68 13.47 2.54
CA GLU A 13 -8.87 13.69 1.73
C GLU A 13 -10.10 13.91 2.60
N LYS A 14 -10.27 13.08 3.62
CA LYS A 14 -11.43 13.23 4.47
C LYS A 14 -11.50 14.61 5.12
N SER A 15 -10.36 15.11 5.60
CA SER A 15 -10.33 16.42 6.24
C SER A 15 -10.51 17.57 5.25
N SER A 16 -10.23 17.30 3.97
CA SER A 16 -10.30 18.33 2.94
C SER A 16 -11.74 18.53 2.43
N GLY A 17 -12.57 17.51 2.58
CA GLY A 17 -13.95 17.60 2.10
C GLY A 17 -14.11 17.40 0.60
N GLY A 18 -12.99 17.26 -0.12
CA GLY A 18 -13.06 17.06 -1.56
C GLY A 18 -12.66 15.66 -2.00
N ARG A 19 -12.26 15.51 -3.26
CA ARG A 19 -11.84 14.22 -3.81
C ARG A 19 -10.41 14.39 -4.33
N LEU A 20 -9.51 13.58 -3.81
CA LEU A 20 -8.08 13.63 -4.12
C LEU A 20 -7.63 12.42 -4.97
N GLY A 21 -6.80 12.67 -5.98
CA GLY A 21 -6.29 11.60 -6.81
C GLY A 21 -4.79 11.76 -6.86
N VAL A 22 -4.05 10.69 -6.58
CA VAL A 22 -2.59 10.75 -6.58
C VAL A 22 -1.95 9.59 -7.33
N ALA A 23 -0.88 9.87 -8.08
CA ALA A 23 -0.13 8.82 -8.75
C ALA A 23 1.36 9.19 -8.73
N LEU A 24 2.15 8.30 -8.15
CA LEU A 24 3.59 8.48 -8.07
C LEU A 24 4.26 7.37 -8.83
N ILE A 25 5.30 7.71 -9.58
CA ILE A 25 6.13 6.67 -10.20
C ILE A 25 7.53 6.98 -9.67
N ASP A 26 8.15 6.02 -8.99
CA ASP A 26 9.50 6.22 -8.47
C ASP A 26 10.43 5.55 -9.46
N THR A 27 11.20 6.30 -10.24
CA THR A 27 12.05 5.65 -11.25
C THR A 27 13.27 4.92 -10.69
N ALA A 28 13.44 4.96 -9.36
CA ALA A 28 14.56 4.22 -8.73
C ALA A 28 14.29 2.73 -8.88
N ASP A 29 13.01 2.36 -8.90
CA ASP A 29 12.61 0.95 -9.01
C ASP A 29 11.34 0.71 -9.83
N ASN A 30 10.80 1.77 -10.43
CA ASN A 30 9.59 1.74 -11.25
C ASN A 30 8.30 1.42 -10.50
N THR A 31 8.35 1.45 -9.17
CA THR A 31 7.16 1.18 -8.39
C THR A 31 6.23 2.38 -8.41
N GLN A 32 4.96 2.12 -8.12
CA GLN A 32 3.96 3.16 -8.16
C GLN A 32 3.14 3.20 -6.90
N VAL A 33 2.70 4.40 -6.53
CA VAL A 33 1.82 4.55 -5.38
C VAL A 33 0.64 5.33 -5.93
N LEU A 34 -0.55 4.77 -5.77
CA LEU A 34 -1.74 5.43 -6.28
C LEU A 34 -2.84 5.58 -5.26
N TYR A 35 -3.61 6.65 -5.39
CA TYR A 35 -4.75 6.90 -4.53
C TYR A 35 -5.81 7.36 -5.52
N ARG A 36 -6.90 6.61 -5.66
CA ARG A 36 -7.94 6.89 -6.64
C ARG A 36 -7.24 7.04 -7.99
N GLY A 37 -6.23 6.19 -8.17
CA GLY A 37 -5.44 6.27 -9.39
C GLY A 37 -6.16 6.05 -10.69
N ASP A 38 -7.29 5.35 -10.66
CA ASP A 38 -8.02 5.09 -11.89
C ASP A 38 -9.35 5.83 -12.00
N GLU A 39 -9.56 6.82 -11.13
CA GLU A 39 -10.76 7.61 -11.22
C GLU A 39 -10.44 8.80 -12.12
N ARG A 40 -11.44 9.32 -12.83
CA ARG A 40 -11.23 10.47 -13.69
C ARG A 40 -11.34 11.80 -12.94
N PHE A 41 -10.50 12.75 -13.33
CA PHE A 41 -10.49 14.08 -12.74
C PHE A 41 -10.37 15.10 -13.88
N PRO A 42 -10.91 16.31 -13.71
CA PRO A 42 -10.80 17.33 -14.75
C PRO A 42 -9.34 17.80 -14.73
N MET A 43 -8.67 17.78 -15.88
CA MET A 43 -7.26 18.19 -15.96
C MET A 43 -6.98 19.67 -15.80
N CYS A 44 -7.90 20.49 -16.33
CA CYS A 44 -7.73 21.92 -16.34
C CYS A 44 -6.39 22.20 -17.01
N SER A 45 -5.61 23.18 -16.53
CA SER A 45 -4.36 23.50 -17.23
C SER A 45 -3.24 22.48 -17.24
N THR A 46 -3.38 21.38 -16.51
CA THR A 46 -2.31 20.37 -16.59
C THR A 46 -2.33 19.78 -18.01
N SER A 47 -3.45 19.94 -18.72
CA SER A 47 -3.57 19.46 -20.11
C SER A 47 -2.63 20.21 -21.06
N LYS A 48 -2.12 21.37 -20.62
CA LYS A 48 -1.23 22.15 -21.48
C LYS A 48 0.08 21.44 -21.76
N VAL A 49 0.48 20.54 -20.86
CA VAL A 49 1.71 19.80 -21.11
C VAL A 49 1.53 18.90 -22.34
N MET A 50 0.38 18.26 -22.46
CA MET A 50 0.14 17.38 -23.62
C MET A 50 0.12 18.18 -24.91
N ALA A 51 -0.50 19.36 -24.88
CA ALA A 51 -0.57 20.21 -26.05
C ALA A 51 0.80 20.72 -26.44
N ALA A 52 1.58 21.22 -25.48
CA ALA A 52 2.94 21.68 -25.83
C ALA A 52 3.78 20.52 -26.35
N ALA A 53 3.64 19.34 -25.74
CA ALA A 53 4.42 18.20 -26.21
C ALA A 53 4.05 17.78 -27.64
N ALA A 54 2.77 17.90 -27.97
CA ALA A 54 2.30 17.53 -29.30
C ALA A 54 2.92 18.43 -30.36
N VAL A 55 3.05 19.71 -30.03
CA VAL A 55 3.67 20.66 -30.94
C VAL A 55 5.17 20.36 -31.01
N LEU A 56 5.78 20.00 -29.88
CA LEU A 56 7.21 19.66 -29.92
C LEU A 56 7.41 18.46 -30.84
N LYS A 57 6.48 17.50 -30.81
CA LYS A 57 6.60 16.34 -31.68
C LYS A 57 6.53 16.77 -33.14
N GLN A 58 5.61 17.66 -33.48
CA GLN A 58 5.53 18.13 -34.86
C GLN A 58 6.84 18.81 -35.25
N SER A 59 7.46 19.53 -34.31
CA SER A 59 8.70 20.23 -34.63
C SER A 59 9.89 19.30 -34.93
N GLU A 60 9.75 18.02 -34.62
CA GLU A 60 10.84 17.08 -34.89
C GLU A 60 11.03 16.92 -36.40
N THR A 61 9.98 17.15 -37.17
CA THR A 61 10.11 17.03 -38.62
C THR A 61 10.05 18.39 -39.33
N GLN A 62 9.96 19.45 -38.54
CA GLN A 62 9.93 20.81 -39.07
C GLN A 62 10.80 21.69 -38.18
N LYS A 63 12.08 21.76 -38.53
CA LYS A 63 13.07 22.53 -37.78
C LYS A 63 12.71 23.97 -37.46
N GLN A 64 11.88 24.60 -38.29
CA GLN A 64 11.52 26.00 -38.06
C GLN A 64 10.14 26.21 -37.46
N LEU A 65 9.44 25.14 -37.14
CA LEU A 65 8.09 25.29 -36.59
C LEU A 65 8.00 26.15 -35.34
N LEU A 66 8.91 25.93 -34.40
CA LEU A 66 8.83 26.71 -33.17
C LEU A 66 9.06 28.22 -33.40
N ASN A 67 9.65 28.58 -34.52
CA ASN A 67 9.87 29.99 -34.82
C ASN A 67 8.73 30.57 -35.67
N GLN A 68 7.74 29.75 -35.99
CA GLN A 68 6.61 30.19 -36.81
C GLN A 68 5.71 31.17 -36.07
N PRO A 69 5.46 32.35 -36.67
CA PRO A 69 4.61 33.35 -36.04
C PRO A 69 3.14 33.01 -36.12
N VAL A 70 2.39 33.33 -35.06
CA VAL A 70 0.96 33.09 -35.01
C VAL A 70 0.32 34.42 -34.59
N GLU A 71 -0.67 34.87 -35.36
CA GLU A 71 -1.34 36.13 -35.08
C GLU A 71 -2.22 36.07 -33.83
N ILE A 72 -2.15 37.12 -33.03
CA ILE A 72 -2.96 37.25 -31.83
C ILE A 72 -3.87 38.46 -32.09
N LYS A 73 -5.18 38.22 -32.13
CA LYS A 73 -6.14 39.30 -32.37
C LYS A 73 -6.92 39.58 -31.10
N PRO A 74 -7.51 40.79 -30.99
CA PRO A 74 -8.28 41.10 -29.78
C PRO A 74 -9.30 40.02 -29.43
N ALA A 75 -9.95 39.46 -30.46
CA ALA A 75 -10.95 38.44 -30.22
C ALA A 75 -10.39 37.13 -29.66
N ASP A 76 -9.07 36.93 -29.76
CA ASP A 76 -8.46 35.71 -29.24
C ASP A 76 -8.28 35.71 -27.73
N LEU A 77 -8.35 36.87 -27.11
CA LEU A 77 -8.17 36.91 -25.66
C LEU A 77 -9.34 36.26 -24.95
N VAL A 78 -9.04 35.48 -23.93
CA VAL A 78 -10.07 34.83 -23.15
C VAL A 78 -10.05 35.32 -21.71
N ASN A 79 -10.18 34.44 -20.73
CA ASN A 79 -10.25 34.86 -19.32
C ASN A 79 -8.92 35.15 -18.63
N TYR A 80 -7.85 34.56 -19.14
CA TYR A 80 -6.55 34.73 -18.51
C TYR A 80 -5.47 34.64 -19.57
N ASN A 81 -4.85 35.79 -19.88
CA ASN A 81 -3.86 35.84 -20.94
C ASN A 81 -2.77 36.87 -20.59
N PRO A 82 -2.03 36.65 -19.50
CA PRO A 82 -0.96 37.56 -19.05
C PRO A 82 0.11 37.86 -20.10
N ILE A 83 0.41 36.89 -20.95
CA ILE A 83 1.42 37.08 -21.97
C ILE A 83 0.82 37.49 -23.31
N ALA A 84 -0.19 36.77 -23.75
CA ALA A 84 -0.79 37.08 -25.04
C ALA A 84 -1.32 38.51 -25.19
N GLU A 85 -1.84 39.10 -24.11
CA GLU A 85 -2.38 40.46 -24.22
C GLU A 85 -1.34 41.47 -24.66
N LYS A 86 -0.07 41.20 -24.37
CA LYS A 86 1.00 42.11 -24.77
C LYS A 86 1.28 42.06 -26.26
N HIS A 87 0.76 41.02 -26.92
CA HIS A 87 0.98 40.81 -28.35
C HIS A 87 -0.24 40.97 -29.22
N VAL A 88 -1.34 41.50 -28.68
CA VAL A 88 -2.55 41.67 -29.48
C VAL A 88 -2.22 42.55 -30.68
N ASN A 89 -2.78 42.19 -31.85
CA ASN A 89 -2.54 42.85 -33.12
C ASN A 89 -1.10 42.65 -33.57
N GLY A 90 -0.45 41.67 -32.95
CA GLY A 90 0.92 41.33 -33.29
C GLY A 90 0.96 39.82 -33.44
N THR A 91 2.11 39.21 -33.18
CA THR A 91 2.26 37.76 -33.30
C THR A 91 3.13 37.19 -32.18
N MET A 92 3.01 35.88 -31.98
CA MET A 92 3.82 35.13 -31.03
C MET A 92 4.25 33.88 -31.76
N THR A 93 5.49 33.44 -31.54
CA THR A 93 5.94 32.23 -32.21
C THR A 93 5.39 31.04 -31.44
N LEU A 94 5.44 29.85 -32.04
CA LEU A 94 4.96 28.67 -31.33
C LEU A 94 5.79 28.38 -30.08
N ALA A 95 7.07 28.75 -30.09
CA ALA A 95 7.90 28.53 -28.90
C ALA A 95 7.40 29.50 -27.82
N GLU A 96 7.13 30.74 -28.20
CA GLU A 96 6.64 31.74 -27.25
C GLU A 96 5.28 31.32 -26.68
N LEU A 97 4.44 30.73 -27.53
CA LEU A 97 3.11 30.31 -27.08
C LEU A 97 3.25 29.12 -26.13
N SER A 98 4.19 28.21 -26.43
CA SER A 98 4.38 27.06 -25.56
C SER A 98 4.91 27.51 -24.20
N ALA A 99 5.89 28.39 -24.21
CA ALA A 99 6.46 28.88 -22.95
C ALA A 99 5.39 29.63 -22.14
N ALA A 100 4.57 30.45 -22.79
CA ALA A 100 3.53 31.20 -22.08
C ALA A 100 2.47 30.28 -21.50
N ALA A 101 2.05 29.29 -22.28
CA ALA A 101 1.05 28.34 -21.82
C ALA A 101 1.54 27.53 -20.62
N LEU A 102 2.79 27.06 -20.70
CA LEU A 102 3.34 26.25 -19.62
C LEU A 102 3.78 27.00 -18.37
N GLN A 103 4.51 28.09 -18.56
CA GLN A 103 5.09 28.80 -17.41
C GLN A 103 4.21 29.83 -16.74
N TYR A 104 3.20 30.33 -17.45
CA TYR A 104 2.28 31.33 -16.89
C TYR A 104 0.81 30.87 -16.98
N SER A 105 0.60 29.71 -17.60
CA SER A 105 -0.74 29.15 -17.81
C SER A 105 -1.62 30.09 -18.64
N ASP A 106 -1.01 30.74 -19.63
CA ASP A 106 -1.75 31.65 -20.49
C ASP A 106 -2.77 30.82 -21.29
N ASN A 107 -4.05 31.21 -21.22
CA ASN A 107 -5.09 30.45 -21.95
C ASN A 107 -5.17 30.75 -23.43
N THR A 108 -4.88 31.99 -23.83
CA THR A 108 -4.90 32.30 -25.25
C THR A 108 -3.79 31.49 -25.91
N ALA A 109 -2.63 31.40 -25.24
CA ALA A 109 -1.51 30.65 -25.79
C ALA A 109 -1.93 29.19 -25.97
N MET A 110 -2.61 28.63 -24.97
CA MET A 110 -3.05 27.25 -25.10
C MET A 110 -3.97 27.11 -26.31
N ASN A 111 -4.89 28.05 -26.50
CA ASN A 111 -5.78 27.92 -27.65
C ASN A 111 -5.03 27.93 -28.97
N LYS A 112 -3.91 28.64 -29.04
CA LYS A 112 -3.14 28.65 -30.28
C LYS A 112 -2.46 27.28 -30.45
N LEU A 113 -2.04 26.65 -29.34
CA LEU A 113 -1.44 25.33 -29.46
C LEU A 113 -2.51 24.34 -29.94
N ILE A 114 -3.70 24.42 -29.36
CA ILE A 114 -4.79 23.51 -29.76
C ILE A 114 -5.12 23.71 -31.26
N ALA A 115 -5.19 24.96 -31.70
CA ALA A 115 -5.48 25.26 -33.10
C ALA A 115 -4.40 24.69 -34.04
N GLN A 116 -3.14 24.81 -33.63
CA GLN A 116 -2.04 24.29 -34.43
C GLN A 116 -2.16 22.77 -34.59
N LEU A 117 -2.79 22.10 -33.63
CA LEU A 117 -2.95 20.65 -33.67
C LEU A 117 -4.28 20.22 -34.31
N GLY A 118 -5.03 21.19 -34.82
CA GLY A 118 -6.29 20.89 -35.48
C GLY A 118 -7.51 20.76 -34.59
N GLY A 119 -7.41 21.27 -33.35
CA GLY A 119 -8.54 21.20 -32.44
C GLY A 119 -8.25 20.32 -31.24
N PRO A 120 -9.13 20.29 -30.24
CA PRO A 120 -8.87 19.46 -29.07
C PRO A 120 -8.53 18.01 -29.39
N GLY A 121 -9.23 17.43 -30.38
CA GLY A 121 -8.98 16.05 -30.76
C GLY A 121 -7.56 15.81 -31.26
N GLY A 122 -6.89 16.86 -31.72
CA GLY A 122 -5.51 16.72 -32.16
C GLY A 122 -4.60 16.44 -30.97
N VAL A 123 -4.97 16.99 -29.82
CA VAL A 123 -4.20 16.76 -28.60
C VAL A 123 -4.45 15.32 -28.15
N THR A 124 -5.71 14.89 -28.16
CA THR A 124 -6.06 13.52 -27.80
C THR A 124 -5.31 12.54 -28.71
N ALA A 125 -5.29 12.84 -30.01
CA ALA A 125 -4.61 11.98 -30.98
C ALA A 125 -3.13 11.79 -30.64
N PHE A 126 -2.49 12.86 -30.19
CA PHE A 126 -1.08 12.75 -29.81
C PHE A 126 -0.96 11.86 -28.58
N ALA A 127 -1.85 12.05 -27.61
CA ALA A 127 -1.83 11.24 -26.41
C ALA A 127 -1.92 9.76 -26.81
N ARG A 128 -2.82 9.43 -27.73
CA ARG A 128 -2.95 8.04 -28.15
C ARG A 128 -1.67 7.55 -28.83
N ALA A 129 -1.02 8.42 -29.60
CA ALA A 129 0.20 8.03 -30.30
C ALA A 129 1.34 7.70 -29.35
N ILE A 130 1.31 8.25 -28.14
CA ILE A 130 2.37 7.95 -27.19
C ILE A 130 1.92 6.96 -26.12
N GLY A 131 0.84 6.23 -26.41
CA GLY A 131 0.38 5.19 -25.51
C GLY A 131 -0.60 5.52 -24.40
N ASP A 132 -1.11 6.75 -24.39
CA ASP A 132 -2.07 7.17 -23.36
C ASP A 132 -3.47 6.98 -23.96
N GLU A 133 -4.17 5.94 -23.49
CA GLU A 133 -5.51 5.63 -23.96
C GLU A 133 -6.62 6.23 -23.09
N THR A 134 -6.21 7.02 -22.10
CA THR A 134 -7.12 7.59 -21.13
C THR A 134 -7.42 9.07 -21.31
N PHE A 135 -6.37 9.85 -21.55
CA PHE A 135 -6.47 11.29 -21.75
C PHE A 135 -7.49 11.67 -22.82
N ARG A 136 -8.25 12.73 -22.56
CA ARG A 136 -9.14 13.24 -23.59
C ARG A 136 -9.28 14.75 -23.44
N LEU A 137 -9.07 15.47 -24.54
CA LEU A 137 -9.27 16.90 -24.53
C LEU A 137 -10.45 17.07 -25.49
N ASP A 138 -11.49 17.74 -25.02
CA ASP A 138 -12.71 17.92 -25.78
C ASP A 138 -13.07 19.36 -26.12
N ARG A 139 -12.52 20.30 -25.37
CA ARG A 139 -12.86 21.69 -25.58
C ARG A 139 -11.64 22.58 -25.52
N THR A 140 -11.84 23.84 -25.92
CA THR A 140 -10.76 24.83 -25.89
C THR A 140 -10.86 25.60 -24.56
N GLU A 141 -10.00 26.60 -24.41
CA GLU A 141 -10.01 27.46 -23.23
C GLU A 141 -11.07 28.54 -23.48
N PRO A 142 -11.79 28.97 -22.43
CA PRO A 142 -11.68 28.53 -21.04
C PRO A 142 -12.64 27.43 -20.60
N THR A 143 -13.53 27.02 -21.49
CA THR A 143 -14.53 26.02 -21.08
C THR A 143 -14.01 24.65 -20.69
N LEU A 144 -12.80 24.28 -21.12
CA LEU A 144 -12.28 22.97 -20.73
C LEU A 144 -12.03 22.89 -19.21
N ASN A 145 -12.19 24.01 -18.50
CA ASN A 145 -11.99 24.05 -17.04
C ASN A 145 -13.30 24.06 -16.23
N THR A 146 -14.44 23.78 -16.86
CA THR A 146 -15.69 23.78 -16.09
C THR A 146 -15.66 22.77 -14.95
N ALA A 147 -14.94 21.66 -15.15
CA ALA A 147 -14.73 20.66 -14.11
C ALA A 147 -15.96 20.12 -13.39
N ILE A 148 -17.05 19.95 -14.12
CA ILE A 148 -18.30 19.46 -13.54
C ILE A 148 -18.17 18.01 -13.09
N PRO A 149 -18.61 17.71 -11.85
CA PRO A 149 -18.49 16.32 -11.37
C PRO A 149 -19.23 15.40 -12.32
N GLY A 150 -18.61 14.25 -12.63
CA GLY A 150 -19.26 13.27 -13.50
C GLY A 150 -19.10 13.51 -14.99
N ASP A 151 -18.61 14.69 -15.35
CA ASP A 151 -18.44 15.04 -16.77
C ASP A 151 -17.14 14.41 -17.26
N PRO A 152 -17.20 13.60 -18.32
CA PRO A 152 -15.97 12.99 -18.82
C PRO A 152 -15.10 13.90 -19.67
N ARG A 153 -15.64 15.03 -20.13
CA ARG A 153 -14.86 15.92 -20.99
C ARG A 153 -13.61 16.48 -20.32
N ASP A 154 -12.51 16.51 -21.08
CA ASP A 154 -11.28 17.09 -20.59
C ASP A 154 -10.78 16.50 -19.29
N THR A 155 -10.83 15.17 -19.21
CA THR A 155 -10.38 14.48 -18.02
C THR A 155 -9.31 13.44 -18.35
N THR A 156 -8.72 12.91 -17.29
CA THR A 156 -7.79 11.80 -17.38
C THR A 156 -7.70 11.21 -15.97
N THR A 157 -6.92 10.16 -15.78
CA THR A 157 -6.75 9.56 -14.46
C THR A 157 -5.34 9.85 -13.97
N PRO A 158 -5.13 9.81 -12.65
CA PRO A 158 -3.77 10.08 -12.16
C PRO A 158 -2.75 9.07 -12.72
N ARG A 159 -3.16 7.81 -12.80
CA ARG A 159 -2.26 6.76 -13.31
C ARG A 159 -1.82 7.08 -14.71
N ALA A 160 -2.78 7.41 -15.57
CA ALA A 160 -2.43 7.69 -16.96
C ALA A 160 -1.58 8.92 -17.12
N MET A 161 -1.89 9.98 -16.38
CA MET A 161 -1.09 11.19 -16.52
C MET A 161 0.33 11.01 -15.99
N ALA A 162 0.50 10.19 -14.95
CA ALA A 162 1.85 9.99 -14.42
C ALA A 162 2.68 9.21 -15.43
N GLN A 163 2.06 8.20 -16.04
CA GLN A 163 2.76 7.41 -17.03
C GLN A 163 3.17 8.29 -18.20
N THR A 164 2.25 9.13 -18.66
CA THR A 164 2.52 10.01 -19.79
C THR A 164 3.60 11.04 -19.45
N LEU A 165 3.52 11.65 -18.27
CA LEU A 165 4.54 12.65 -17.92
C LEU A 165 5.92 11.99 -17.89
N ARG A 166 5.99 10.75 -17.39
CA ARG A 166 7.27 10.04 -17.35
C ARG A 166 7.79 9.84 -18.77
N GLN A 167 6.94 9.34 -19.65
CA GLN A 167 7.35 9.09 -21.02
C GLN A 167 7.81 10.36 -21.72
N LEU A 168 7.15 11.49 -21.44
CA LEU A 168 7.50 12.76 -22.06
C LEU A 168 8.76 13.44 -21.53
N THR A 169 8.98 13.34 -20.21
CA THR A 169 10.09 14.05 -19.60
C THR A 169 11.32 13.26 -19.28
N LEU A 170 11.17 11.94 -19.14
CA LEU A 170 12.31 11.09 -18.80
C LEU A 170 12.50 9.99 -19.83
N GLY A 171 11.42 9.68 -20.54
CA GLY A 171 11.44 8.64 -21.55
C GLY A 171 11.70 9.13 -22.96
N HIS A 172 11.23 8.36 -23.94
CA HIS A 172 11.50 8.72 -25.33
C HIS A 172 10.30 8.98 -26.23
N ALA A 173 9.23 9.51 -25.66
CA ALA A 173 8.05 9.83 -26.46
C ALA A 173 8.41 10.99 -27.39
N LEU A 174 9.36 11.82 -26.95
CA LEU A 174 9.83 12.94 -27.75
C LEU A 174 11.30 12.74 -28.10
N GLY A 175 11.78 13.42 -29.14
CA GLY A 175 13.20 13.33 -29.48
C GLY A 175 13.99 13.97 -28.34
N GLU A 176 15.28 13.66 -28.24
CA GLU A 176 16.10 14.21 -27.15
C GLU A 176 16.07 15.73 -26.97
N THR A 177 16.21 16.46 -28.06
CA THR A 177 16.20 17.91 -28.02
C THR A 177 14.85 18.41 -27.51
N GLN A 178 13.79 17.80 -27.99
CA GLN A 178 12.45 18.22 -27.58
C GLN A 178 12.17 17.87 -26.13
N ARG A 179 12.65 16.71 -25.68
CA ARG A 179 12.47 16.32 -24.28
C ARG A 179 13.15 17.36 -23.40
N ALA A 180 14.37 17.73 -23.77
CA ALA A 180 15.13 18.72 -23.02
C ALA A 180 14.37 20.05 -22.98
N GLN A 181 13.78 20.44 -24.10
CA GLN A 181 13.04 21.69 -24.15
C GLN A 181 11.82 21.66 -23.25
N LEU A 182 11.09 20.54 -23.23
CA LEU A 182 9.91 20.43 -22.38
C LEU A 182 10.32 20.52 -20.91
N VAL A 183 11.37 19.82 -20.55
CA VAL A 183 11.84 19.83 -19.16
C VAL A 183 12.28 21.25 -18.77
N THR A 184 12.96 21.94 -19.67
CA THR A 184 13.41 23.30 -19.40
C THR A 184 12.19 24.18 -19.13
N TRP A 185 11.16 24.02 -19.95
CA TRP A 185 9.95 24.84 -19.73
C TRP A 185 9.32 24.54 -18.37
N LEU A 186 9.12 23.26 -18.07
CA LEU A 186 8.52 22.90 -16.80
C LEU A 186 9.32 23.39 -15.61
N LYS A 187 10.64 23.27 -15.69
CA LYS A 187 11.47 23.70 -14.55
C LYS A 187 11.41 25.22 -14.37
N GLY A 188 11.02 25.93 -15.42
CA GLY A 188 10.91 27.37 -15.34
C GLY A 188 9.50 27.84 -15.01
N ASN A 189 8.62 26.91 -14.64
CA ASN A 189 7.27 27.32 -14.30
C ASN A 189 7.28 28.37 -13.18
N THR A 190 6.35 29.34 -13.27
CA THR A 190 6.25 30.40 -12.26
C THR A 190 5.11 30.19 -11.29
N THR A 191 4.25 29.22 -11.56
CA THR A 191 3.07 29.05 -10.72
C THR A 191 3.01 27.90 -9.72
N GLY A 192 4.13 27.20 -9.44
CA GLY A 192 3.98 26.00 -8.67
C GLY A 192 4.45 26.02 -7.28
N ALA A 193 5.00 27.12 -6.78
CA ALA A 193 5.57 27.03 -5.45
C ALA A 193 4.70 26.63 -4.27
N ALA A 194 3.38 26.81 -4.39
CA ALA A 194 2.45 26.50 -3.31
C ALA A 194 1.81 25.13 -3.45
N SER A 195 2.14 24.43 -4.53
CA SER A 195 1.50 23.14 -4.77
C SER A 195 2.37 21.95 -4.40
N ILE A 196 2.63 21.03 -5.34
CA ILE A 196 3.46 19.87 -5.02
C ILE A 196 4.79 20.29 -4.36
N ARG A 197 5.43 21.29 -4.95
CA ARG A 197 6.73 21.76 -4.45
C ARG A 197 6.76 22.17 -2.97
N ALA A 198 5.65 22.71 -2.48
CA ALA A 198 5.59 23.13 -1.08
C ALA A 198 5.66 21.94 -0.13
N GLY A 199 5.38 20.74 -0.64
CA GLY A 199 5.42 19.58 0.24
C GLY A 199 6.72 18.80 0.15
N LEU A 200 7.66 19.27 -0.67
CA LEU A 200 8.94 18.60 -0.86
C LEU A 200 10.09 19.25 -0.11
N PRO A 201 11.14 18.48 0.21
CA PRO A 201 12.29 19.05 0.92
C PRO A 201 12.84 20.16 0.03
N THR A 202 13.31 21.24 0.64
CA THR A 202 13.81 22.37 -0.14
C THR A 202 15.01 22.07 -1.04
N SER A 203 15.80 21.04 -0.73
CA SER A 203 16.97 20.72 -1.56
C SER A 203 16.61 20.05 -2.89
N TRP A 204 15.39 19.53 -2.99
CA TRP A 204 14.97 18.86 -4.22
C TRP A 204 14.63 19.88 -5.30
N THR A 205 14.78 19.49 -6.57
CA THR A 205 14.41 20.39 -7.67
C THR A 205 13.27 19.72 -8.44
N ALA A 206 12.56 20.48 -9.26
CA ALA A 206 11.42 19.90 -9.99
C ALA A 206 10.90 20.84 -11.07
N GLY A 207 10.10 20.28 -11.94
CA GLY A 207 9.42 21.00 -13.00
C GLY A 207 7.96 20.62 -12.82
N ASP A 208 7.02 21.53 -13.01
CA ASP A 208 5.63 21.16 -12.82
C ASP A 208 4.71 22.03 -13.65
N LYS A 209 3.46 21.60 -13.75
CA LYS A 209 2.43 22.39 -14.41
C LYS A 209 1.19 22.29 -13.53
N THR A 210 0.67 23.44 -13.10
CA THR A 210 -0.50 23.47 -12.24
C THR A 210 -1.78 23.55 -13.05
N GLY A 211 -2.91 23.36 -12.37
CA GLY A 211 -4.20 23.48 -13.01
C GLY A 211 -5.21 24.01 -12.02
N SER A 212 -6.16 24.81 -12.50
CA SER A 212 -7.20 25.38 -11.65
C SER A 212 -8.48 25.50 -12.47
N GLY A 213 -9.63 25.34 -11.82
CA GLY A 213 -10.88 25.45 -12.55
C GLY A 213 -12.03 25.59 -11.58
N ASP A 214 -13.25 25.42 -12.09
CA ASP A 214 -14.42 25.52 -11.23
C ASP A 214 -14.40 24.31 -10.28
N TYR A 215 -15.37 24.27 -9.36
CA TYR A 215 -15.49 23.27 -8.31
C TYR A 215 -14.17 23.09 -7.60
N GLY A 216 -13.58 24.26 -7.36
CA GLY A 216 -12.31 24.43 -6.64
C GLY A 216 -11.24 23.43 -7.04
N THR A 217 -11.24 23.11 -8.32
CA THR A 217 -10.31 22.13 -8.84
C THR A 217 -8.90 22.70 -8.78
N THR A 218 -8.03 21.95 -8.11
CA THR A 218 -6.65 22.38 -7.88
C THR A 218 -5.75 21.18 -8.22
N ASN A 219 -4.96 21.34 -9.27
CA ASN A 219 -4.13 20.27 -9.78
C ASN A 219 -2.64 20.62 -9.93
N ASP A 220 -1.81 19.60 -10.00
CA ASP A 220 -0.39 19.82 -10.24
C ASP A 220 0.22 18.51 -10.71
N ILE A 221 1.06 18.55 -11.75
CA ILE A 221 1.75 17.35 -12.20
C ILE A 221 3.23 17.74 -12.25
N ALA A 222 4.09 16.89 -11.70
CA ALA A 222 5.50 17.25 -11.60
C ALA A 222 6.51 16.17 -11.88
N VAL A 223 7.65 16.60 -12.40
CA VAL A 223 8.76 15.70 -12.54
C VAL A 223 9.71 16.14 -11.43
N ILE A 224 10.21 15.24 -10.60
CA ILE A 224 11.00 15.65 -9.43
C ILE A 224 12.36 14.99 -9.37
N TRP A 225 13.39 15.76 -9.02
CA TRP A 225 14.74 15.21 -8.88
C TRP A 225 15.11 15.35 -7.41
N PRO A 226 14.86 14.31 -6.61
CA PRO A 226 15.19 14.39 -5.19
C PRO A 226 16.70 14.39 -4.98
N GLN A 227 17.12 14.92 -3.85
CA GLN A 227 18.52 14.96 -3.46
C GLN A 227 18.98 13.52 -3.25
N GLY A 228 19.96 13.09 -4.02
CA GLY A 228 20.52 11.75 -3.87
C GLY A 228 19.77 10.55 -4.41
N ARG A 229 18.74 10.76 -5.22
CA ARG A 229 18.01 9.60 -5.75
C ARG A 229 17.45 9.83 -7.14
N ALA A 230 17.04 8.75 -7.80
CA ALA A 230 16.51 8.81 -9.15
C ALA A 230 15.23 9.67 -9.16
N PRO A 231 14.89 10.26 -10.31
CA PRO A 231 13.68 11.09 -10.37
C PRO A 231 12.35 10.40 -10.11
N LEU A 232 11.38 11.23 -9.73
CA LEU A 232 10.03 10.78 -9.46
C LEU A 232 9.09 11.54 -10.36
N VAL A 233 7.95 11.00 -10.64
CA VAL A 233 6.91 11.66 -11.40
C VAL A 233 5.72 11.63 -10.45
N LEU A 234 5.12 12.78 -10.24
CA LEU A 234 3.99 12.80 -9.29
C LEU A 234 2.84 13.64 -9.80
N VAL A 235 1.64 13.08 -9.72
CA VAL A 235 0.43 13.76 -10.13
C VAL A 235 -0.47 13.90 -8.92
N THR A 236 -0.99 15.10 -8.68
CA THR A 236 -1.92 15.32 -7.57
C THR A 236 -3.11 16.12 -8.11
N TYR A 237 -4.27 15.48 -8.13
CA TYR A 237 -5.49 16.10 -8.60
C TYR A 237 -6.49 16.29 -7.47
N PHE A 238 -7.21 17.40 -7.43
CA PHE A 238 -8.15 17.65 -6.34
C PHE A 238 -9.33 18.43 -6.86
N THR A 239 -10.53 17.96 -6.52
CA THR A 239 -11.72 18.67 -6.95
C THR A 239 -12.76 18.61 -5.83
N GLN A 240 -13.63 19.60 -5.77
CA GLN A 240 -14.58 19.74 -4.68
C GLN A 240 -16.04 19.68 -5.11
N PRO A 241 -16.96 19.43 -4.18
CA PRO A 241 -18.40 19.32 -4.56
C PRO A 241 -19.15 20.60 -4.98
N GLN A 242 -18.73 21.79 -4.55
CA GLN A 242 -19.43 23.02 -4.90
C GLN A 242 -18.73 23.78 -6.03
N GLN A 243 -19.52 24.25 -6.97
CA GLN A 243 -18.98 24.97 -8.12
C GLN A 243 -18.06 26.12 -7.77
N ASN A 244 -18.40 26.86 -6.71
CA ASN A 244 -17.61 28.02 -6.34
C ASN A 244 -16.59 27.80 -5.23
N ALA A 245 -16.22 26.54 -5.02
CA ALA A 245 -15.25 26.21 -3.99
C ALA A 245 -13.95 26.97 -4.22
N GLU A 246 -13.24 27.23 -3.13
CA GLU A 246 -11.97 27.95 -3.15
C GLU A 246 -10.85 26.99 -3.51
N SER A 247 -9.77 27.56 -4.04
N SER A 247 -9.78 27.54 -4.07
CA SER A 247 -8.57 26.80 -4.41
CA SER A 247 -8.63 26.71 -4.44
C SER A 247 -7.94 26.18 -3.15
C SER A 247 -8.03 26.13 -3.16
N ARG A 248 -7.36 24.99 -3.27
CA ARG A 248 -6.73 24.34 -2.12
C ARG A 248 -5.36 23.78 -2.49
N ARG A 249 -4.45 24.66 -2.87
CA ARG A 249 -3.11 24.21 -3.21
C ARG A 249 -2.44 23.53 -2.00
N ASP A 250 -2.81 23.94 -0.78
CA ASP A 250 -2.22 23.34 0.40
C ASP A 250 -2.51 21.83 0.45
N VAL A 251 -3.65 21.39 -0.09
CA VAL A 251 -3.95 19.96 -0.07
C VAL A 251 -2.97 19.20 -0.96
N LEU A 252 -2.57 19.81 -2.08
CA LEU A 252 -1.61 19.19 -2.97
C LEU A 252 -0.25 19.12 -2.27
N ALA A 253 0.12 20.19 -1.57
CA ALA A 253 1.39 20.17 -0.86
C ALA A 253 1.34 19.09 0.22
N SER A 254 0.19 18.93 0.88
CA SER A 254 0.05 17.93 1.92
C SER A 254 0.17 16.52 1.35
N ALA A 255 -0.38 16.30 0.16
CA ALA A 255 -0.30 15.00 -0.49
C ALA A 255 1.14 14.71 -0.87
N ALA A 256 1.83 15.72 -1.38
CA ALA A 256 3.22 15.56 -1.79
C ALA A 256 4.11 15.28 -0.59
N ARG A 257 3.80 15.93 0.55
CA ARG A 257 4.59 15.71 1.74
C ARG A 257 4.44 14.26 2.22
N ILE A 258 3.22 13.73 2.16
CA ILE A 258 2.96 12.34 2.56
C ILE A 258 3.73 11.41 1.62
N ILE A 259 3.67 11.69 0.33
CA ILE A 259 4.38 10.86 -0.64
C ILE A 259 5.89 10.88 -0.37
N ALA A 260 6.44 12.07 -0.12
CA ALA A 260 7.87 12.20 0.13
C ALA A 260 8.31 11.46 1.40
N GLU A 261 7.51 11.58 2.45
CA GLU A 261 7.82 10.95 3.72
C GLU A 261 7.72 9.43 3.62
N GLY A 262 7.00 8.96 2.61
CA GLY A 262 6.82 7.53 2.40
C GLY A 262 7.93 6.86 1.63
N LEU A 263 8.88 7.64 1.14
CA LEU A 263 10.02 7.12 0.38
C LEU A 263 11.06 6.51 1.32
N SER B 3 21.09 -27.69 4.79
CA SER B 3 21.88 -28.86 4.29
C SER B 3 21.02 -29.67 3.32
N ALA B 4 20.98 -30.97 3.54
CA ALA B 4 20.15 -31.85 2.73
C ALA B 4 18.72 -31.49 3.12
N VAL B 5 18.55 -31.00 4.35
CA VAL B 5 17.23 -30.61 4.82
C VAL B 5 16.74 -29.48 3.92
N GLN B 6 17.68 -28.62 3.52
CA GLN B 6 17.38 -27.50 2.65
C GLN B 6 16.82 -27.93 1.31
N GLN B 7 17.45 -28.92 0.68
CA GLN B 7 16.97 -29.36 -0.61
C GLN B 7 15.60 -30.02 -0.48
N LYS B 8 15.35 -30.68 0.65
CA LYS B 8 14.07 -31.34 0.85
C LYS B 8 12.95 -30.30 1.01
N LEU B 9 13.23 -29.24 1.74
CA LEU B 9 12.20 -28.22 1.93
C LEU B 9 11.93 -27.49 0.60
N ALA B 10 12.98 -27.23 -0.16
CA ALA B 10 12.81 -26.55 -1.43
C ALA B 10 11.98 -27.42 -2.38
N ALA B 11 12.22 -28.73 -2.35
CA ALA B 11 11.49 -29.66 -3.21
C ALA B 11 10.02 -29.73 -2.80
N LEU B 12 9.75 -29.70 -1.49
CA LEU B 12 8.37 -29.75 -1.02
C LEU B 12 7.69 -28.50 -1.54
N GLU B 13 8.32 -27.35 -1.34
CA GLU B 13 7.75 -26.09 -1.80
C GLU B 13 7.43 -26.10 -3.29
N LYS B 14 8.37 -26.54 -4.12
CA LYS B 14 8.14 -26.56 -5.55
C LYS B 14 6.94 -27.44 -5.89
N SER B 15 6.85 -28.59 -5.25
N SER B 15 6.86 -28.59 -5.24
CA SER B 15 5.75 -29.49 -5.53
CA SER B 15 5.76 -29.53 -5.49
C SER B 15 4.42 -28.84 -5.14
C SER B 15 4.41 -28.96 -5.06
N SER B 16 4.43 -28.08 -4.06
CA SER B 16 3.22 -27.43 -3.54
C SER B 16 2.68 -26.26 -4.37
N GLY B 17 3.54 -25.64 -5.16
CA GLY B 17 3.13 -24.51 -5.97
C GLY B 17 3.06 -23.20 -5.21
N GLY B 18 3.30 -23.25 -3.90
CA GLY B 18 3.23 -22.04 -3.08
C GLY B 18 4.56 -21.54 -2.53
N ARG B 19 4.49 -20.78 -1.44
CA ARG B 19 5.65 -20.20 -0.79
C ARG B 19 5.65 -20.71 0.65
N LEU B 20 6.72 -21.40 1.02
CA LEU B 20 6.85 -22.03 2.34
C LEU B 20 7.89 -21.32 3.19
N GLY B 21 7.59 -21.13 4.48
CA GLY B 21 8.53 -20.50 5.39
C GLY B 21 8.67 -21.39 6.59
N VAL B 22 9.91 -21.76 6.94
CA VAL B 22 10.14 -22.63 8.08
C VAL B 22 11.22 -22.10 9.00
N ALA B 23 10.99 -22.21 10.31
CA ALA B 23 12.01 -21.83 11.26
C ALA B 23 11.94 -22.77 12.43
N LEU B 24 13.05 -23.49 12.64
CA LEU B 24 13.17 -24.43 13.74
C LEU B 24 14.22 -23.96 14.72
N ILE B 25 13.95 -24.10 16.01
CA ILE B 25 14.96 -23.82 17.03
C ILE B 25 14.98 -25.13 17.83
N ASP B 26 16.14 -25.79 17.89
CA ASP B 26 16.27 -27.03 18.65
C ASP B 26 16.94 -26.59 19.95
N THR B 27 16.20 -26.63 21.06
CA THR B 27 16.81 -26.18 22.32
C THR B 27 17.82 -27.15 22.93
N ALA B 28 18.06 -28.29 22.28
CA ALA B 28 19.07 -29.20 22.84
C ALA B 28 20.44 -28.55 22.66
N ASP B 29 20.60 -27.78 21.59
CA ASP B 29 21.89 -27.16 21.30
C ASP B 29 21.79 -25.79 20.62
N ASN B 30 20.60 -25.21 20.61
CA ASN B 30 20.37 -23.91 19.99
C ASN B 30 20.60 -23.87 18.48
N THR B 31 20.62 -25.03 17.84
CA THR B 31 20.79 -25.04 16.39
C THR B 31 19.46 -24.65 15.75
N GLN B 32 19.54 -24.24 14.48
CA GLN B 32 18.35 -23.79 13.76
C GLN B 32 18.29 -24.31 12.35
N VAL B 33 17.08 -24.38 11.81
CA VAL B 33 16.86 -24.74 10.42
C VAL B 33 15.91 -23.68 9.93
N LEU B 34 16.32 -22.97 8.89
CA LEU B 34 15.53 -21.89 8.34
C LEU B 34 15.34 -22.04 6.85
N TYR B 35 14.14 -21.78 6.37
CA TYR B 35 13.82 -21.78 4.95
C TYR B 35 12.91 -20.58 4.72
N ARG B 36 13.41 -19.59 3.99
CA ARG B 36 12.71 -18.31 3.81
C ARG B 36 12.42 -17.77 5.22
N GLY B 37 13.36 -18.01 6.14
CA GLY B 37 13.19 -17.60 7.52
C GLY B 37 13.03 -16.11 7.78
N ASP B 38 13.50 -15.27 6.84
CA ASP B 38 13.41 -13.83 7.02
C ASP B 38 12.39 -13.14 6.12
N GLU B 39 11.61 -13.95 5.40
CA GLU B 39 10.54 -13.38 4.58
C GLU B 39 9.29 -13.20 5.42
N ARG B 40 8.51 -12.17 5.10
CA ARG B 40 7.28 -11.96 5.85
C ARG B 40 6.18 -12.84 5.29
N PHE B 41 5.31 -13.31 6.18
CA PHE B 41 4.18 -14.15 5.82
C PHE B 41 2.99 -13.68 6.62
N PRO B 42 1.77 -13.82 6.07
CA PRO B 42 0.57 -13.40 6.80
C PRO B 42 0.42 -14.42 7.95
N MET B 43 0.33 -13.93 9.17
CA MET B 43 0.21 -14.79 10.33
C MET B 43 -1.13 -15.47 10.51
N CYS B 44 -2.19 -14.79 10.09
CA CYS B 44 -3.56 -15.27 10.28
C CYS B 44 -3.72 -15.62 11.76
N SER B 45 -4.44 -16.69 12.08
CA SER B 45 -4.66 -16.99 13.49
C SER B 45 -3.47 -17.33 14.39
N THR B 46 -2.28 -17.49 13.83
CA THR B 46 -1.15 -17.78 14.71
C THR B 46 -0.87 -16.51 15.55
N SER B 47 -1.39 -15.38 15.09
CA SER B 47 -1.23 -14.11 15.82
C SER B 47 -1.96 -14.14 17.16
N LYS B 48 -2.90 -15.06 17.32
CA LYS B 48 -3.65 -15.15 18.57
C LYS B 48 -2.76 -15.51 19.75
N VAL B 49 -1.64 -16.16 19.50
CA VAL B 49 -0.72 -16.49 20.59
C VAL B 49 -0.16 -15.19 21.19
N MET B 50 0.19 -14.23 20.34
CA MET B 50 0.74 -12.96 20.84
C MET B 50 -0.33 -12.19 21.62
N ALA B 51 -1.58 -12.23 21.15
CA ALA B 51 -2.64 -11.50 21.85
C ALA B 51 -2.94 -12.15 23.20
N ALA B 52 -3.05 -13.47 23.24
CA ALA B 52 -3.31 -14.14 24.51
C ALA B 52 -2.14 -13.91 25.47
N ALA B 53 -0.91 -13.97 24.97
CA ALA B 53 0.26 -13.75 25.83
C ALA B 53 0.27 -12.33 26.40
N ALA B 54 -0.14 -11.37 25.58
CA ALA B 54 -0.16 -9.96 26.00
C ALA B 54 -1.13 -9.80 27.15
N VAL B 55 -2.28 -10.49 27.08
CA VAL B 55 -3.27 -10.38 28.16
C VAL B 55 -2.71 -11.11 29.40
N LEU B 56 -2.01 -12.20 29.21
CA LEU B 56 -1.42 -12.90 30.34
C LEU B 56 -0.42 -11.96 31.02
N LYS B 57 0.37 -11.22 30.23
CA LYS B 57 1.35 -10.29 30.82
C LYS B 57 0.61 -9.22 31.61
N GLN B 58 -0.53 -8.74 31.09
CA GLN B 58 -1.28 -7.73 31.84
C GLN B 58 -1.76 -8.29 33.18
N SER B 59 -2.15 -9.56 33.18
CA SER B 59 -2.66 -10.17 34.42
C SER B 59 -1.58 -10.36 35.49
N GLU B 60 -0.32 -10.15 35.12
CA GLU B 60 0.76 -10.24 36.09
C GLU B 60 0.66 -9.07 37.08
N THR B 61 0.05 -7.94 36.66
CA THR B 61 -0.11 -6.80 37.55
C THR B 61 -1.57 -6.48 37.88
N GLN B 62 -2.50 -6.74 36.96
CA GLN B 62 -3.94 -6.65 37.25
C GLN B 62 -4.32 -8.09 37.60
N LYS B 63 -4.06 -8.47 38.84
CA LYS B 63 -4.24 -9.84 39.38
C LYS B 63 -5.57 -10.56 39.12
N GLN B 64 -6.69 -9.85 39.03
CA GLN B 64 -7.97 -10.54 38.82
C GLN B 64 -8.45 -10.33 37.38
N LEU B 65 -7.58 -9.82 36.52
CA LEU B 65 -7.97 -9.54 35.14
C LEU B 65 -8.57 -10.71 34.36
N LEU B 66 -7.95 -11.90 34.47
CA LEU B 66 -8.43 -13.04 33.68
C LEU B 66 -9.83 -13.50 33.99
N ASN B 67 -10.36 -13.12 35.16
CA ASN B 67 -11.70 -13.56 35.50
C ASN B 67 -12.79 -12.49 35.35
N GLN B 68 -12.42 -11.37 34.76
CA GLN B 68 -13.32 -10.25 34.52
C GLN B 68 -14.30 -10.60 33.40
N PRO B 69 -15.61 -10.41 33.63
CA PRO B 69 -16.59 -10.74 32.59
C PRO B 69 -16.52 -9.70 31.47
N VAL B 70 -16.73 -10.18 30.24
CA VAL B 70 -16.71 -9.34 29.05
C VAL B 70 -18.00 -9.65 28.29
N GLU B 71 -18.76 -8.61 27.97
CA GLU B 71 -20.02 -8.83 27.26
C GLU B 71 -19.84 -9.29 25.82
N ILE B 72 -20.67 -10.26 25.42
CA ILE B 72 -20.63 -10.73 24.03
C ILE B 72 -22.01 -10.35 23.47
N LYS B 73 -22.02 -9.49 22.48
CA LYS B 73 -23.26 -9.02 21.86
C LYS B 73 -23.46 -9.68 20.50
N PRO B 74 -24.72 -9.82 20.06
CA PRO B 74 -24.96 -10.44 18.74
C PRO B 74 -24.13 -9.74 17.66
N ALA B 75 -24.00 -8.43 17.76
CA ALA B 75 -23.27 -7.64 16.77
C ALA B 75 -21.76 -7.91 16.77
N ASP B 76 -21.25 -8.51 17.84
CA ASP B 76 -19.82 -8.81 17.94
C ASP B 76 -19.41 -10.01 17.11
N LEU B 77 -20.36 -10.90 16.81
CA LEU B 77 -20.03 -12.08 16.07
C LEU B 77 -19.52 -11.76 14.67
N VAL B 78 -18.46 -12.46 14.28
CA VAL B 78 -17.90 -12.27 12.96
C VAL B 78 -18.06 -13.55 12.11
N ASN B 79 -17.02 -13.98 11.41
CA ASN B 79 -17.12 -15.13 10.51
C ASN B 79 -16.97 -16.53 11.09
N TYR B 80 -16.31 -16.63 12.24
CA TYR B 80 -16.05 -17.93 12.83
C TYR B 80 -16.03 -17.76 14.35
N ASN B 81 -17.11 -18.18 14.98
CA ASN B 81 -17.27 -17.97 16.42
C ASN B 81 -17.81 -19.24 17.08
N PRO B 82 -17.10 -20.37 16.94
CA PRO B 82 -17.59 -21.61 17.55
C PRO B 82 -17.87 -21.57 19.05
N ILE B 83 -17.17 -20.72 19.79
CA ILE B 83 -17.41 -20.66 21.22
C ILE B 83 -18.24 -19.44 21.61
N ALA B 84 -17.88 -18.28 21.07
CA ALA B 84 -18.61 -17.06 21.43
C ALA B 84 -20.10 -17.09 21.08
N GLU B 85 -20.48 -17.80 20.03
CA GLU B 85 -21.89 -17.82 19.65
C GLU B 85 -22.75 -18.45 20.75
N LYS B 86 -22.14 -19.29 21.59
CA LYS B 86 -22.91 -19.89 22.67
C LYS B 86 -23.20 -18.90 23.79
N HIS B 87 -22.40 -17.83 23.84
CA HIS B 87 -22.53 -16.85 24.91
C HIS B 87 -23.05 -15.47 24.54
N VAL B 88 -23.62 -15.35 23.34
CA VAL B 88 -24.18 -14.08 22.90
C VAL B 88 -25.25 -13.66 23.91
N ASN B 89 -25.35 -12.36 24.14
CA ASN B 89 -26.29 -11.77 25.12
C ASN B 89 -25.94 -12.27 26.53
N GLY B 90 -24.67 -12.61 26.69
CA GLY B 90 -24.15 -13.07 27.97
C GLY B 90 -22.72 -12.56 28.09
N THR B 91 -21.91 -13.25 28.88
CA THR B 91 -20.51 -12.85 29.07
C THR B 91 -19.57 -14.04 29.06
N MET B 92 -18.29 -13.74 28.86
CA MET B 92 -17.20 -14.71 28.91
C MET B 92 -16.07 -13.96 29.60
N THR B 93 -15.26 -14.65 30.37
CA THR B 93 -14.14 -14.00 31.04
C THR B 93 -12.96 -13.94 30.08
N LEU B 94 -11.99 -13.10 30.39
CA LEU B 94 -10.82 -13.01 29.53
C LEU B 94 -10.06 -14.32 29.45
N ALA B 95 -10.08 -15.12 30.52
CA ALA B 95 -9.43 -16.42 30.47
C ALA B 95 -10.19 -17.31 29.48
N GLU B 96 -11.51 -17.29 29.57
CA GLU B 96 -12.35 -18.07 28.66
C GLU B 96 -12.18 -17.63 27.22
N LEU B 97 -12.03 -16.32 27.02
CA LEU B 97 -11.83 -15.79 25.68
C LEU B 97 -10.46 -16.20 25.17
N SER B 98 -9.44 -16.19 26.02
CA SER B 98 -8.11 -16.63 25.60
C SER B 98 -8.10 -18.09 25.20
N ALA B 99 -8.75 -18.94 26.00
CA ALA B 99 -8.80 -20.36 25.68
C ALA B 99 -9.55 -20.60 24.37
N ALA B 100 -10.64 -19.87 24.17
CA ALA B 100 -11.45 -20.01 22.95
C ALA B 100 -10.65 -19.57 21.73
N ALA B 101 -9.97 -18.43 21.85
CA ALA B 101 -9.16 -17.92 20.75
C ALA B 101 -8.05 -18.92 20.39
N LEU B 102 -7.40 -19.46 21.41
CA LEU B 102 -6.29 -20.37 21.17
C LEU B 102 -6.65 -21.79 20.78
N GLN B 103 -7.58 -22.38 21.51
CA GLN B 103 -7.90 -23.78 21.27
C GLN B 103 -8.93 -24.08 20.21
N TYR B 104 -9.72 -23.07 19.81
CA TYR B 104 -10.73 -23.27 18.78
C TYR B 104 -10.60 -22.24 17.68
N SER B 105 -9.66 -21.32 17.84
CA SER B 105 -9.42 -20.23 16.91
C SER B 105 -10.67 -19.36 16.72
N ASP B 106 -11.38 -19.14 17.82
CA ASP B 106 -12.59 -18.30 17.77
C ASP B 106 -12.19 -16.84 17.47
N ASN B 107 -12.79 -16.25 16.45
CA ASN B 107 -12.47 -14.88 16.04
C ASN B 107 -13.12 -13.77 16.87
N THR B 108 -14.30 -14.02 17.43
CA THR B 108 -14.91 -13.02 18.28
C THR B 108 -14.06 -12.96 19.55
N ALA B 109 -13.58 -14.12 20.00
CA ALA B 109 -12.76 -14.15 21.20
C ALA B 109 -11.48 -13.34 20.95
N MET B 110 -10.84 -13.55 19.80
CA MET B 110 -9.64 -12.78 19.48
C MET B 110 -9.94 -11.28 19.45
N ASN B 111 -11.08 -10.87 18.88
CA ASN B 111 -11.38 -9.43 18.88
C ASN B 111 -11.51 -8.89 20.29
N LYS B 112 -12.01 -9.69 21.24
CA LYS B 112 -12.10 -9.20 22.62
C LYS B 112 -10.71 -9.04 23.23
N LEU B 113 -9.79 -9.93 22.85
CA LEU B 113 -8.43 -9.82 23.37
C LEU B 113 -7.81 -8.53 22.80
N ILE B 114 -8.02 -8.32 21.51
CA ILE B 114 -7.46 -7.12 20.88
C ILE B 114 -8.03 -5.86 21.53
N ALA B 115 -9.33 -5.85 21.81
CA ALA B 115 -9.93 -4.67 22.42
C ALA B 115 -9.38 -4.44 23.82
N GLN B 116 -9.17 -5.50 24.58
CA GLN B 116 -8.61 -5.38 25.94
C GLN B 116 -7.21 -4.77 25.89
N LEU B 117 -6.50 -5.00 24.78
CA LEU B 117 -5.14 -4.50 24.63
C LEU B 117 -5.07 -3.10 24.02
N GLY B 118 -6.25 -2.54 23.71
CA GLY B 118 -6.29 -1.21 23.13
C GLY B 118 -6.20 -1.15 21.62
N GLY B 119 -6.52 -2.26 20.95
CA GLY B 119 -6.45 -2.29 19.50
C GLY B 119 -5.25 -3.10 19.02
N PRO B 120 -5.14 -3.37 17.71
CA PRO B 120 -4.02 -4.14 17.16
C PRO B 120 -2.67 -3.61 17.61
N GLY B 121 -2.53 -2.29 17.69
CA GLY B 121 -1.27 -1.70 18.11
C GLY B 121 -0.82 -2.13 19.50
N GLY B 122 -1.78 -2.43 20.38
CA GLY B 122 -1.43 -2.89 21.71
C GLY B 122 -0.81 -4.27 21.66
N VAL B 123 -1.20 -5.06 20.64
CA VAL B 123 -0.60 -6.39 20.52
C VAL B 123 0.83 -6.24 20.00
N THR B 124 1.03 -5.33 19.05
CA THR B 124 2.36 -5.09 18.52
C THR B 124 3.26 -4.52 19.62
N ALA B 125 2.69 -3.65 20.45
CA ALA B 125 3.45 -3.08 21.55
C ALA B 125 3.98 -4.15 22.50
N PHE B 126 3.18 -5.17 22.76
CA PHE B 126 3.62 -6.23 23.66
C PHE B 126 4.77 -6.98 22.98
N ALA B 127 4.63 -7.25 21.68
CA ALA B 127 5.70 -7.93 20.94
C ALA B 127 7.01 -7.16 21.12
N ARG B 128 6.95 -5.84 20.97
CA ARG B 128 8.17 -5.04 21.13
C ARG B 128 8.71 -5.13 22.54
N ALA B 129 7.82 -5.19 23.53
CA ALA B 129 8.22 -5.29 24.92
C ALA B 129 8.94 -6.58 25.25
N ILE B 130 8.73 -7.63 24.44
CA ILE B 130 9.42 -8.89 24.69
C ILE B 130 10.54 -9.12 23.67
N GLY B 131 10.96 -8.06 23.00
CA GLY B 131 12.08 -8.15 22.07
C GLY B 131 11.83 -8.55 20.63
N ASP B 132 10.57 -8.62 20.23
CA ASP B 132 10.23 -8.98 18.85
C ASP B 132 10.01 -7.65 18.11
N GLU B 133 10.95 -7.30 17.22
CA GLU B 133 10.88 -6.05 16.48
C GLU B 133 10.32 -6.24 15.07
N THR B 134 9.85 -7.45 14.79
CA THR B 134 9.35 -7.82 13.46
C THR B 134 7.84 -7.96 13.35
N PHE B 135 7.26 -8.63 14.33
CA PHE B 135 5.81 -8.83 14.41
C PHE B 135 5.02 -7.54 14.30
N ARG B 136 3.91 -7.58 13.56
CA ARG B 136 3.01 -6.43 13.51
C ARG B 136 1.58 -6.91 13.35
N LEU B 137 0.69 -6.40 14.19
CA LEU B 137 -0.73 -6.71 14.05
C LEU B 137 -1.33 -5.36 13.70
N ASP B 138 -2.10 -5.34 12.62
CA ASP B 138 -2.66 -4.10 12.11
C ASP B 138 -4.17 -4.01 12.11
N ARG B 139 -4.81 -5.16 11.96
CA ARG B 139 -6.25 -5.23 11.86
C ARG B 139 -6.88 -6.22 12.83
N THR B 140 -8.20 -6.15 12.91
CA THR B 140 -9.00 -7.04 13.75
C THR B 140 -9.46 -8.22 12.90
N GLU B 141 -10.23 -9.14 13.51
CA GLU B 141 -10.79 -10.28 12.79
C GLU B 141 -12.08 -9.76 12.14
N PRO B 142 -12.39 -10.23 10.92
CA PRO B 142 -11.64 -11.21 10.12
C PRO B 142 -10.65 -10.66 9.09
N THR B 143 -10.60 -9.34 8.93
CA THR B 143 -9.75 -8.79 7.89
C THR B 143 -8.24 -9.01 8.05
N LEU B 144 -7.77 -9.32 9.25
CA LEU B 144 -6.33 -9.54 9.39
C LEU B 144 -5.86 -10.79 8.63
N ASN B 145 -6.80 -11.57 8.10
CA ASN B 145 -6.45 -12.79 7.35
C ASN B 145 -6.52 -12.65 5.82
N THR B 146 -6.57 -11.42 5.30
CA THR B 146 -6.64 -11.27 3.83
C THR B 146 -5.46 -11.87 3.08
N ALA B 147 -4.28 -11.88 3.72
CA ALA B 147 -3.08 -12.50 3.17
C ALA B 147 -2.70 -12.08 1.75
N ILE B 148 -2.85 -10.79 1.46
CA ILE B 148 -2.52 -10.29 0.13
C ILE B 148 -1.01 -10.31 -0.12
N PRO B 149 -0.59 -10.90 -1.25
CA PRO B 149 0.85 -10.95 -1.53
C PRO B 149 1.48 -9.55 -1.46
N GLY B 150 2.61 -9.45 -0.75
CA GLY B 150 3.30 -8.17 -0.64
C GLY B 150 2.82 -7.20 0.43
N ASP B 151 1.65 -7.48 1.02
CA ASP B 151 1.06 -6.63 2.05
C ASP B 151 1.75 -6.93 3.39
N PRO B 152 2.39 -5.91 3.99
CA PRO B 152 3.08 -6.10 5.27
C PRO B 152 2.19 -6.20 6.48
N ARG B 153 0.92 -5.84 6.33
CA ARG B 153 0.02 -5.88 7.47
C ARG B 153 -0.17 -7.28 8.03
N ASP B 154 -0.19 -7.37 9.35
CA ASP B 154 -0.44 -8.64 10.04
C ASP B 154 0.49 -9.78 9.63
N THR B 155 1.77 -9.45 9.52
CA THR B 155 2.78 -10.42 9.14
C THR B 155 3.91 -10.46 10.15
N THR B 156 4.74 -11.50 10.00
CA THR B 156 5.97 -11.64 10.76
C THR B 156 6.83 -12.60 9.96
N THR B 157 8.05 -12.83 10.39
CA THR B 157 8.94 -13.76 9.69
C THR B 157 9.01 -15.04 10.52
N PRO B 158 9.30 -16.18 9.86
CA PRO B 158 9.39 -17.42 10.63
C PRO B 158 10.45 -17.34 11.72
N ARG B 159 11.58 -16.72 11.40
CA ARG B 159 12.66 -16.62 12.38
C ARG B 159 12.21 -15.87 13.61
N ALA B 160 11.53 -14.74 13.41
CA ALA B 160 11.08 -13.94 14.53
C ALA B 160 10.02 -14.64 15.36
N MET B 161 9.08 -15.32 14.70
N MET B 161 9.08 -15.30 14.68
CA MET B 161 8.02 -15.99 15.45
CA MET B 161 8.00 -15.98 15.39
C MET B 161 8.54 -17.19 16.24
C MET B 161 8.52 -17.17 16.20
N ALA B 162 9.52 -17.89 15.68
CA ALA B 162 10.09 -19.04 16.41
C ALA B 162 10.80 -18.53 17.67
N GLN B 163 11.56 -17.44 17.53
CA GLN B 163 12.28 -16.88 18.67
C GLN B 163 11.27 -16.39 19.72
N THR B 164 10.20 -15.75 19.28
CA THR B 164 9.19 -15.27 20.21
C THR B 164 8.44 -16.42 20.87
N LEU B 165 8.09 -17.43 20.10
CA LEU B 165 7.36 -18.55 20.72
C LEU B 165 8.28 -19.21 21.76
N ARG B 166 9.58 -19.27 21.47
CA ARG B 166 10.50 -19.84 22.47
C ARG B 166 10.50 -18.96 23.73
N GLN B 167 10.62 -17.64 23.56
CA GLN B 167 10.63 -16.77 24.73
C GLN B 167 9.35 -16.90 25.55
N LEU B 168 8.22 -17.04 24.88
CA LEU B 168 6.93 -17.12 25.57
C LEU B 168 6.66 -18.43 26.27
N THR B 169 7.07 -19.53 25.65
CA THR B 169 6.77 -20.86 26.21
C THR B 169 7.89 -21.58 26.97
N LEU B 170 9.13 -21.22 26.70
CA LEU B 170 10.27 -21.89 27.34
C LEU B 170 11.19 -20.90 28.06
N GLY B 171 11.05 -19.63 27.70
CA GLY B 171 11.86 -18.58 28.29
C GLY B 171 11.16 -17.78 29.36
N HIS B 172 11.47 -16.48 29.54
CA HIS B 172 10.98 -15.68 30.64
C HIS B 172 10.32 -14.40 30.19
N ALA B 173 9.71 -14.39 28.98
CA ALA B 173 8.97 -13.22 28.54
C ALA B 173 7.75 -13.04 29.43
N LEU B 174 7.24 -14.15 29.97
CA LEU B 174 6.09 -14.14 30.88
C LEU B 174 6.50 -14.65 32.26
N GLY B 175 5.68 -14.34 33.26
CA GLY B 175 5.91 -14.84 34.61
C GLY B 175 5.72 -16.35 34.59
N GLU B 176 6.28 -17.05 35.57
CA GLU B 176 6.19 -18.51 35.60
C GLU B 176 4.77 -19.10 35.46
N THR B 177 3.83 -18.58 36.23
CA THR B 177 2.46 -19.09 36.18
C THR B 177 1.80 -18.81 34.83
N GLN B 178 2.12 -17.66 34.25
CA GLN B 178 1.53 -17.28 32.98
C GLN B 178 2.12 -18.09 31.83
N ARG B 179 3.41 -18.38 31.92
CA ARG B 179 4.07 -19.20 30.90
C ARG B 179 3.39 -20.59 30.93
N ALA B 180 3.20 -21.11 32.14
CA ALA B 180 2.57 -22.43 32.27
C ALA B 180 1.16 -22.43 31.69
N GLN B 181 0.43 -21.35 31.93
CA GLN B 181 -0.94 -21.26 31.42
C GLN B 181 -0.96 -21.23 29.89
N LEU B 182 -0.04 -20.49 29.30
CA LEU B 182 0.03 -20.42 27.83
C LEU B 182 0.34 -21.80 27.27
N VAL B 183 1.28 -22.49 27.91
CA VAL B 183 1.67 -23.83 27.46
C VAL B 183 0.48 -24.78 27.59
N THR B 184 -0.24 -24.67 28.70
CA THR B 184 -1.42 -25.52 28.91
C THR B 184 -2.44 -25.30 27.82
N TRP B 185 -2.68 -24.04 27.46
CA TRP B 185 -3.64 -23.74 26.42
C TRP B 185 -3.19 -24.29 25.05
N LEU B 186 -1.92 -24.10 24.71
CA LEU B 186 -1.41 -24.62 23.44
C LEU B 186 -1.50 -26.14 23.35
N LYS B 187 -1.17 -26.82 24.45
CA LYS B 187 -1.22 -28.29 24.47
C LYS B 187 -2.65 -28.80 24.35
N GLY B 188 -3.62 -27.97 24.71
CA GLY B 188 -5.02 -28.34 24.60
C GLY B 188 -5.68 -27.93 23.29
N ASN B 189 -4.90 -27.45 22.34
CA ASN B 189 -5.48 -27.03 21.06
C ASN B 189 -6.25 -28.17 20.42
N THR B 190 -7.37 -27.84 19.77
CA THR B 190 -8.19 -28.86 19.11
C THR B 190 -8.02 -28.87 17.60
N THR B 191 -7.34 -27.87 17.05
CA THR B 191 -7.26 -27.76 15.59
C THR B 191 -5.99 -28.19 14.90
N GLY B 192 -5.09 -28.87 15.61
CA GLY B 192 -3.77 -29.08 14.99
C GLY B 192 -3.31 -30.44 14.55
N ALA B 193 -4.16 -31.47 14.67
CA ALA B 193 -3.70 -32.80 14.32
C ALA B 193 -3.27 -33.05 12.89
N ALA B 194 -3.75 -32.23 11.95
CA ALA B 194 -3.42 -32.42 10.55
C ALA B 194 -2.25 -31.57 10.09
N SER B 195 -1.72 -30.75 10.99
CA SER B 195 -0.65 -29.85 10.56
C SER B 195 0.73 -30.31 11.04
N ILE B 196 1.48 -29.47 11.76
CA ILE B 196 2.81 -29.93 12.22
C ILE B 196 2.77 -31.29 12.91
N ARG B 197 1.82 -31.47 13.81
N ARG B 197 1.79 -31.47 13.79
CA ARG B 197 1.76 -32.72 14.55
CA ARG B 197 1.65 -32.71 14.56
C ARG B 197 1.57 -33.99 13.72
C ARG B 197 1.61 -33.96 13.69
N ALA B 198 0.96 -33.87 12.54
CA ALA B 198 0.80 -35.04 11.66
C ALA B 198 2.16 -35.52 11.10
N GLY B 199 3.17 -34.66 11.13
CA GLY B 199 4.49 -35.03 10.64
C GLY B 199 5.45 -35.50 11.74
N LEU B 200 4.99 -35.57 12.98
CA LEU B 200 5.85 -35.98 14.09
C LEU B 200 5.54 -37.39 14.60
N PRO B 201 6.54 -38.06 15.18
CA PRO B 201 6.33 -39.42 15.72
C PRO B 201 5.23 -39.32 16.77
N THR B 202 4.39 -40.36 16.85
CA THR B 202 3.28 -40.36 17.80
C THR B 202 3.65 -40.23 19.26
N SER B 203 4.82 -40.72 19.65
CA SER B 203 5.21 -40.65 21.06
C SER B 203 5.45 -39.22 21.54
N TRP B 204 5.75 -38.31 20.62
CA TRP B 204 6.04 -36.92 20.98
C TRP B 204 4.84 -36.11 21.47
N THR B 205 5.11 -35.12 22.31
CA THR B 205 4.08 -34.23 22.86
C THR B 205 4.28 -32.85 22.22
N ALA B 206 3.21 -32.10 22.06
CA ALA B 206 3.32 -30.76 21.48
C ALA B 206 2.11 -29.89 21.77
N GLY B 207 2.31 -28.61 21.61
CA GLY B 207 1.27 -27.60 21.77
C GLY B 207 1.41 -26.76 20.51
N ASP B 208 0.31 -26.32 19.90
CA ASP B 208 0.44 -25.55 18.69
C ASP B 208 -0.74 -24.61 18.49
N LYS B 209 -0.57 -23.67 17.56
CA LYS B 209 -1.66 -22.77 17.16
C LYS B 209 -1.64 -22.70 15.64
N THR B 210 -2.74 -23.07 15.02
CA THR B 210 -2.85 -23.04 13.57
C THR B 210 -3.32 -21.68 13.04
N GLY B 211 -3.20 -21.50 11.73
CA GLY B 211 -3.68 -20.28 11.10
C GLY B 211 -4.21 -20.61 9.72
N SER B 212 -5.24 -19.88 9.28
N SER B 212 -5.23 -19.87 9.29
CA SER B 212 -5.81 -20.08 7.96
CA SER B 212 -5.83 -20.08 7.98
C SER B 212 -6.36 -18.77 7.43
C SER B 212 -6.34 -18.75 7.44
N GLY B 213 -6.26 -18.55 6.13
CA GLY B 213 -6.76 -17.32 5.55
C GLY B 213 -6.91 -17.42 4.05
N ASP B 214 -7.11 -16.27 3.39
CA ASP B 214 -7.22 -16.27 1.94
C ASP B 214 -5.86 -16.66 1.35
N TYR B 215 -5.83 -16.81 0.03
CA TYR B 215 -4.63 -17.24 -0.68
C TYR B 215 -4.18 -18.61 -0.15
N GLY B 216 -5.16 -19.38 0.31
CA GLY B 216 -4.93 -20.72 0.84
C GLY B 216 -3.85 -20.71 1.92
N THR B 217 -3.79 -19.64 2.69
CA THR B 217 -2.77 -19.54 3.72
C THR B 217 -3.05 -20.59 4.79
N THR B 218 -2.01 -21.37 5.06
CA THR B 218 -2.12 -22.47 6.00
C THR B 218 -0.87 -22.42 6.86
N ASN B 219 -1.06 -22.13 8.14
CA ASN B 219 0.05 -21.96 9.07
C ASN B 219 -0.06 -22.79 10.34
N ASP B 220 1.07 -22.96 11.03
CA ASP B 220 1.08 -23.66 12.31
C ASP B 220 2.38 -23.29 13.03
N ILE B 221 2.27 -23.02 14.33
CA ILE B 221 3.46 -22.74 15.14
C ILE B 221 3.31 -23.63 16.36
N ALA B 222 4.43 -24.27 16.73
CA ALA B 222 4.38 -25.22 17.80
C ALA B 222 5.62 -25.32 18.67
N VAL B 223 5.37 -25.70 19.92
CA VAL B 223 6.47 -26.08 20.86
C VAL B 223 6.31 -27.60 20.98
N ILE B 224 7.40 -28.33 20.76
CA ILE B 224 7.40 -29.79 20.72
C ILE B 224 8.33 -30.41 21.74
N TRP B 225 7.89 -31.51 22.36
CA TRP B 225 8.72 -32.22 23.33
C TRP B 225 8.96 -33.61 22.79
N PRO B 226 10.05 -33.80 22.03
CA PRO B 226 10.37 -35.10 21.46
C PRO B 226 10.67 -36.07 22.59
N GLN B 227 10.47 -37.35 22.36
CA GLN B 227 10.73 -38.35 23.38
C GLN B 227 12.22 -38.36 23.74
N GLY B 228 12.50 -38.21 25.02
CA GLY B 228 13.87 -38.25 25.51
C GLY B 228 14.82 -37.11 25.21
N ARG B 229 14.32 -35.97 24.75
CA ARG B 229 15.23 -34.86 24.47
C ARG B 229 14.61 -33.49 24.68
N ALA B 230 15.45 -32.46 24.64
CA ALA B 230 15.02 -31.07 24.84
C ALA B 230 13.98 -30.64 23.82
N PRO B 231 13.13 -29.67 24.18
CA PRO B 231 12.11 -29.22 23.23
C PRO B 231 12.58 -28.49 22.00
N LEU B 232 11.70 -28.46 21.03
CA LEU B 232 11.96 -27.75 19.78
C LEU B 232 10.88 -26.71 19.64
N VAL B 233 11.19 -25.60 18.98
CA VAL B 233 10.12 -24.65 18.61
C VAL B 233 10.09 -24.69 17.09
N LEU B 234 8.91 -24.81 16.49
CA LEU B 234 8.82 -24.92 15.05
C LEU B 234 7.69 -24.07 14.47
N VAL B 235 8.05 -23.27 13.47
CA VAL B 235 7.10 -22.43 12.77
C VAL B 235 7.07 -22.87 11.32
N THR B 236 5.86 -23.11 10.79
CA THR B 236 5.68 -23.49 9.39
C THR B 236 4.57 -22.63 8.82
N TYR B 237 4.97 -21.73 7.92
CA TYR B 237 4.03 -20.84 7.26
C TYR B 237 3.91 -21.18 5.77
N PHE B 238 2.72 -21.08 5.19
CA PHE B 238 2.55 -21.43 3.79
C PHE B 238 1.45 -20.59 3.18
N THR B 239 1.72 -20.05 2.00
CA THR B 239 0.72 -19.25 1.33
C THR B 239 0.83 -19.52 -0.17
N GLN B 240 -0.27 -19.30 -0.89
CA GLN B 240 -0.32 -19.63 -2.29
C GLN B 240 -0.66 -18.46 -3.21
N PRO B 241 -0.44 -18.65 -4.52
CA PRO B 241 -0.70 -17.61 -5.53
C PRO B 241 -2.15 -17.18 -5.76
N GLN B 242 -3.07 -18.13 -5.74
CA GLN B 242 -4.48 -17.84 -6.02
C GLN B 242 -5.25 -17.45 -4.76
N GLN B 243 -5.99 -16.35 -4.83
CA GLN B 243 -6.76 -15.89 -3.68
C GLN B 243 -7.67 -16.96 -3.09
N ASN B 244 -8.26 -17.77 -3.96
CA ASN B 244 -9.19 -18.81 -3.50
C ASN B 244 -8.59 -20.20 -3.38
N ALA B 245 -7.27 -20.31 -3.24
CA ALA B 245 -6.63 -21.61 -3.11
C ALA B 245 -7.15 -22.36 -1.90
N GLU B 246 -7.11 -23.69 -1.98
CA GLU B 246 -7.56 -24.53 -0.89
C GLU B 246 -6.48 -24.65 0.19
N SER B 247 -6.90 -25.07 1.37
N SER B 247 -6.91 -25.12 1.35
CA SER B 247 -5.95 -25.24 2.46
CA SER B 247 -6.04 -25.34 2.50
C SER B 247 -5.04 -26.41 2.13
C SER B 247 -5.08 -26.51 2.25
N ARG B 248 -3.84 -26.38 2.70
CA ARG B 248 -2.84 -27.42 2.48
C ARG B 248 -2.12 -27.77 3.78
N ARG B 249 -2.86 -28.28 4.76
CA ARG B 249 -2.22 -28.66 6.01
C ARG B 249 -1.21 -29.77 5.78
N ASP B 250 -1.41 -30.55 4.72
CA ASP B 250 -0.47 -31.64 4.44
C ASP B 250 0.95 -31.10 4.17
N VAL B 251 1.04 -29.88 3.64
CA VAL B 251 2.35 -29.29 3.39
C VAL B 251 3.07 -29.01 4.70
N LEU B 252 2.33 -28.53 5.70
CA LEU B 252 2.95 -28.26 7.01
C LEU B 252 3.39 -29.58 7.64
N ALA B 253 2.58 -30.62 7.51
CA ALA B 253 2.93 -31.92 8.07
C ALA B 253 4.19 -32.46 7.37
N SER B 254 4.26 -32.27 6.05
CA SER B 254 5.43 -32.75 5.31
C SER B 254 6.68 -31.99 5.74
N ALA B 255 6.53 -30.69 5.96
CA ALA B 255 7.67 -29.88 6.42
C ALA B 255 8.13 -30.38 7.79
N ALA B 256 7.19 -30.62 8.68
CA ALA B 256 7.52 -31.11 10.02
C ALA B 256 8.20 -32.47 9.94
N ARG B 257 7.74 -33.30 9.01
CA ARG B 257 8.28 -34.66 8.82
C ARG B 257 9.75 -34.58 8.41
N ILE B 258 10.05 -33.65 7.50
CA ILE B 258 11.43 -33.45 7.05
C ILE B 258 12.28 -33.01 8.23
N ILE B 259 11.76 -32.08 9.03
CA ILE B 259 12.47 -31.58 10.20
C ILE B 259 12.72 -32.69 11.22
N ALA B 260 11.68 -33.46 11.53
CA ALA B 260 11.77 -34.52 12.51
C ALA B 260 12.78 -35.57 12.10
N GLU B 261 12.89 -35.84 10.81
CA GLU B 261 13.68 -36.98 10.36
C GLU B 261 15.09 -36.43 10.35
N GLY B 262 16.12 -37.15 10.70
CA GLY B 262 17.38 -36.49 10.54
C GLY B 262 17.52 -35.33 11.51
N LEU B 263 16.63 -35.18 12.46
CA LEU B 263 16.73 -34.25 13.55
C LEU B 263 18.11 -34.41 14.11
C25 NBF C . -6.24 31.25 -14.06
C24 NBF C . -7.27 31.23 -13.08
O23 NBF C . -7.68 29.86 -13.10
C15 NBF C . -9.01 29.56 -13.28
C13 NBF C . -9.43 29.19 -14.57
C11 NBF C . -8.41 28.99 -15.70
O12 NBF C . -8.50 29.64 -16.75
N10 NBF C . -7.43 28.06 -15.50
C7 NBF C . -6.40 27.73 -16.44
B NBF C . -5.40 26.62 -15.93
O1 NBF C . -6.10 25.64 -15.16
O2 NBF C . -4.37 27.23 -15.13
C14 NBF C . -10.86 28.89 -14.74
C16 NBF C . -11.79 28.96 -13.60
C18 NBF C . -13.15 28.67 -13.80
C20 NBF C . -13.67 28.32 -15.02
C22 NBF C . -12.82 28.25 -16.17
C17 NBF C . -11.45 28.53 -16.03
C19 NBF C . -11.26 29.32 -12.34
C21 NBF C . -9.93 29.62 -12.16
C25 NBF D . -11.16 -21.21 10.17
C24 NBF D . -11.64 -20.42 9.09
O23 NBF D . -10.42 -19.91 8.54
C15 NBF D . -10.44 -18.91 7.59
C13 NBF D . -10.47 -17.57 8.02
C11 NBF D . -10.33 -17.22 9.53
O12 NBF D . -11.17 -16.50 10.07
N10 NBF D . -9.26 -17.74 10.17
C7 NBF D . -8.93 -17.53 11.56
B NBF D . -7.58 -18.21 11.97
O1 NBF D . -6.60 -18.12 10.91
O2 NBF D . -7.80 -19.59 12.30
C14 NBF D . -10.49 -16.54 6.98
C16 NBF D . -10.49 -16.91 5.54
C18 NBF D . -10.52 -15.89 4.55
C20 NBF D . -10.56 -14.55 4.86
C22 NBF D . -10.56 -14.14 6.24
C17 NBF D . -10.53 -15.11 7.26
C19 NBF D . -10.46 -18.29 5.20
C21 NBF D . -10.43 -19.28 6.17
#